data_3K6I
#
_entry.id   3K6I
#
_cell.length_a   44.153
_cell.length_b   44.930
_cell.length_c   56.666
_cell.angle_alpha   90.000
_cell.angle_beta   90.000
_cell.angle_gamma   90.000
#
_symmetry.space_group_name_H-M   'P 21 21 21'
#
loop_
_entity.id
_entity.type
_entity.pdbx_description
1 polymer T-cadherin
2 non-polymer 'ZINC ION'
3 water water
#
_entity_poly.entity_id   1
_entity_poly.type   'polypeptide(L)'
_entity_poly.pdbx_seq_one_letter_code
;SILATPILIPENQRPPFPRSVGKVIRSEGTEGAKFRLSGKGVDQDPKGIFRINEISGDVSVTRPLDREAIANYELEVEVT
DLSGKIIDGPVRLDISVID
;
_entity_poly.pdbx_strand_id   A
#
loop_
_chem_comp.id
_chem_comp.type
_chem_comp.name
_chem_comp.formula
ZN non-polymer 'ZINC ION' 'Zn 2'
#
# COMPACT_ATOMS: atom_id res chain seq x y z
N SER A 1 -3.71 6.81 15.69
CA SER A 1 -3.04 5.56 15.27
C SER A 1 -3.40 5.29 13.81
N ILE A 2 -2.66 4.35 13.21
CA ILE A 2 -2.95 3.84 11.89
C ILE A 2 -3.22 2.38 11.98
N LEU A 3 -4.24 1.94 11.26
CA LEU A 3 -4.60 0.54 11.14
C LEU A 3 -4.28 0.05 9.74
N ALA A 4 -3.25 -0.79 9.64
CA ALA A 4 -2.92 -1.49 8.40
C ALA A 4 -3.37 -2.92 8.57
N THR A 5 -4.18 -3.40 7.61
CA THR A 5 -4.71 -4.75 7.60
C THR A 5 -4.01 -5.51 6.47
N PRO A 6 -3.51 -6.72 6.74
CA PRO A 6 -2.89 -7.47 5.66
C PRO A 6 -3.81 -7.62 4.45
N ILE A 7 -3.20 -7.59 3.27
CA ILE A 7 -3.92 -7.69 2.01
C ILE A 7 -3.52 -8.98 1.31
N LEU A 8 -4.51 -9.67 0.75
CA LEU A 8 -4.28 -10.89 -0.04
C LEU A 8 -4.70 -10.56 -1.47
N ILE A 9 -3.85 -10.89 -2.43
CA ILE A 9 -4.13 -10.60 -3.84
C ILE A 9 -3.95 -11.90 -4.62
N PRO A 10 -5.01 -12.36 -5.33
CA PRO A 10 -4.84 -13.52 -6.21
C PRO A 10 -3.78 -13.26 -7.26
N GLU A 11 -3.00 -14.29 -7.47
CA GLU A 11 -2.00 -14.33 -8.44
C GLU A 11 -2.55 -14.09 -9.88
N ASN A 12 -1.83 -13.39 -10.72
CA ASN A 12 -2.09 -13.34 -12.14
C ASN A 12 -3.46 -12.76 -12.47
N GLN A 13 -3.83 -11.65 -11.79
CA GLN A 13 -5.09 -10.96 -12.06
C GLN A 13 -5.17 -10.53 -13.52
N ARG A 14 -6.39 -10.60 -14.09
CA ARG A 14 -6.71 -9.95 -15.36
C ARG A 14 -6.82 -8.45 -15.14
N PRO A 15 -6.64 -7.65 -16.20
CA PRO A 15 -6.90 -6.22 -16.05
C PRO A 15 -8.28 -5.81 -16.42
N PRO A 16 -8.68 -4.60 -16.00
CA PRO A 16 -7.91 -3.39 -16.21
C PRO A 16 -7.20 -3.11 -14.84
N PHE A 17 -6.10 -2.40 -14.90
CA PHE A 17 -5.39 -1.94 -13.74
C PHE A 17 -5.36 -0.44 -13.85
N PRO A 18 -5.12 0.28 -12.75
CA PRO A 18 -4.92 -0.24 -11.39
C PRO A 18 -6.19 -0.79 -10.77
N ARG A 19 -6.00 -1.66 -9.78
CA ARG A 19 -7.09 -2.30 -9.05
C ARG A 19 -6.93 -2.01 -7.56
N SER A 20 -8.01 -1.60 -6.91
CA SER A 20 -7.99 -1.47 -5.46
C SER A 20 -7.88 -2.83 -4.80
N VAL A 21 -7.04 -2.93 -3.80
CA VAL A 21 -6.78 -4.20 -3.12
C VAL A 21 -6.96 -4.13 -1.60
N GLY A 22 -7.04 -2.94 -1.00
CA GLY A 22 -7.22 -2.82 0.45
C GLY A 22 -7.24 -1.36 0.81
N LYS A 23 -7.25 -1.10 2.10
CA LYS A 23 -7.36 0.29 2.59
C LYS A 23 -6.74 0.40 3.97
N VAL A 24 -5.88 1.38 4.14
CA VAL A 24 -5.29 1.70 5.43
C VAL A 24 -6.12 2.82 6.03
N ILE A 25 -6.30 2.80 7.35
CA ILE A 25 -7.17 3.77 8.03
C ILE A 25 -6.41 4.47 9.14
N ARG A 26 -6.49 5.80 9.17
CA ARG A 26 -5.93 6.60 10.26
C ARG A 26 -7.06 6.97 11.19
N SER A 27 -6.90 6.71 12.48
CA SER A 27 -8.03 6.89 13.43
C SER A 27 -8.54 8.33 13.47
N GLU A 28 -7.64 9.28 13.28
CA GLU A 28 -8.00 10.69 13.29
C GLU A 28 -8.51 11.22 11.95
N GLY A 29 -8.50 10.37 10.92
CA GLY A 29 -8.84 10.82 9.56
C GLY A 29 -7.63 11.38 8.82
N THR A 30 -7.82 12.00 7.67
CA THR A 30 -6.75 12.83 7.10
C THR A 30 -7.69 13.98 6.78
N GLU A 31 -7.59 14.96 7.59
CA GLU A 31 -7.67 16.34 7.23
C GLU A 31 -6.25 16.87 7.42
N GLY A 32 -5.75 17.64 6.45
CA GLY A 32 -4.41 18.16 6.55
C GLY A 32 -3.33 17.13 6.61
N ALA A 33 -3.55 15.96 6.04
CA ALA A 33 -2.58 14.89 6.16
C ALA A 33 -2.57 14.03 4.91
N LYS A 34 -1.48 13.28 4.72
CA LYS A 34 -1.24 12.46 3.53
C LYS A 34 -0.74 11.08 3.93
N PHE A 35 -1.40 10.04 3.40
CA PHE A 35 -0.76 8.73 3.43
C PHE A 35 0.44 8.70 2.51
N ARG A 36 1.45 7.91 2.91
CA ARG A 36 2.65 7.66 2.14
C ARG A 36 3.02 6.19 2.29
N LEU A 37 3.33 5.54 1.18
CA LEU A 37 3.70 4.14 1.16
C LEU A 37 5.14 4.01 0.66
N SER A 38 5.88 3.03 1.19
CA SER A 38 7.24 2.80 0.74
C SER A 38 7.60 1.34 0.91
N GLY A 39 8.68 0.94 0.23
CA GLY A 39 9.20 -0.40 0.33
C GLY A 39 9.45 -0.99 -1.02
N LYS A 40 9.95 -2.23 -1.01
CA LYS A 40 10.11 -3.03 -2.21
C LYS A 40 8.73 -3.33 -2.77
N GLY A 41 8.49 -2.93 -4.03
CA GLY A 41 7.16 -2.93 -4.60
C GLY A 41 6.63 -1.53 -4.80
N VAL A 42 7.28 -0.52 -4.21
CA VAL A 42 6.79 0.85 -4.26
C VAL A 42 7.93 1.74 -4.77
N ASP A 43 8.81 2.14 -3.87
CA ASP A 43 9.92 3.02 -4.20
C ASP A 43 11.28 2.31 -4.23
N GLN A 44 11.29 1.00 -4.00
CA GLN A 44 12.47 0.19 -4.13
C GLN A 44 12.12 -0.96 -5.08
N ASP A 45 13.11 -1.47 -5.81
CA ASP A 45 12.83 -2.50 -6.82
C ASP A 45 12.12 -3.71 -6.21
N PRO A 46 11.07 -4.20 -6.86
CA PRO A 46 10.45 -3.68 -8.08
C PRO A 46 9.60 -2.46 -7.79
N LYS A 47 9.86 -1.37 -8.51
CA LYS A 47 9.17 -0.13 -8.23
C LYS A 47 7.79 -0.07 -8.88
N GLY A 48 6.87 0.67 -8.25
CA GLY A 48 5.62 1.03 -8.91
C GLY A 48 4.54 -0.03 -8.97
N ILE A 49 4.68 -1.10 -8.19
CA ILE A 49 3.68 -2.16 -8.17
C ILE A 49 2.45 -1.77 -7.35
N PHE A 50 2.69 -1.11 -6.21
CA PHE A 50 1.63 -0.69 -5.29
C PHE A 50 1.64 0.82 -5.11
N ARG A 51 0.45 1.37 -4.89
CA ARG A 51 0.28 2.78 -4.60
C ARG A 51 -0.71 2.94 -3.46
N ILE A 52 -0.67 4.10 -2.79
CA ILE A 52 -1.71 4.46 -1.87
C ILE A 52 -2.25 5.83 -2.23
N ASN A 53 -3.56 6.00 -2.11
CA ASN A 53 -4.15 7.32 -2.27
C ASN A 53 -3.89 8.15 -1.01
N GLU A 54 -3.36 9.34 -1.19
CA GLU A 54 -2.96 10.18 -0.04
C GLU A 54 -4.09 10.50 0.91
N ILE A 55 -5.29 10.70 0.35
CA ILE A 55 -6.43 11.11 1.14
C ILE A 55 -7.15 9.91 1.71
N SER A 56 -7.47 8.93 0.86
CA SER A 56 -8.41 7.89 1.26
C SER A 56 -7.76 6.67 1.86
N GLY A 57 -6.45 6.50 1.67
CA GLY A 57 -5.80 5.28 2.15
C GLY A 57 -6.06 4.05 1.30
N ASP A 58 -6.71 4.21 0.16
CA ASP A 58 -6.95 3.09 -0.75
C ASP A 58 -5.62 2.61 -1.32
N VAL A 59 -5.37 1.32 -1.21
CA VAL A 59 -4.16 0.69 -1.73
C VAL A 59 -4.51 0.00 -3.05
N SER A 60 -3.71 0.27 -4.07
CA SER A 60 -3.94 -0.31 -5.37
C SER A 60 -2.70 -1.04 -5.90
N VAL A 61 -2.96 -1.97 -6.83
CA VAL A 61 -1.92 -2.70 -7.50
C VAL A 61 -2.00 -2.34 -9.00
N THR A 62 -0.84 -2.33 -9.66
CA THR A 62 -0.78 -1.72 -11.00
C THR A 62 -0.57 -2.72 -12.12
N ARG A 63 -0.43 -4.01 -11.77
CA ARG A 63 -0.18 -5.04 -12.79
C ARG A 63 -0.46 -6.40 -12.16
N PRO A 64 -0.50 -7.45 -12.99
CA PRO A 64 -0.61 -8.82 -12.43
C PRO A 64 0.65 -9.18 -11.63
N LEU A 65 0.44 -10.03 -10.64
CA LEU A 65 1.52 -10.49 -9.77
C LEU A 65 1.77 -11.98 -9.95
N ASP A 66 3.05 -12.34 -10.06
CA ASP A 66 3.47 -13.74 -10.17
C ASP A 66 3.98 -14.19 -8.82
N ARG A 67 3.23 -15.07 -8.16
CA ARG A 67 3.59 -15.52 -6.81
C ARG A 67 4.93 -16.24 -6.76
N GLU A 68 5.34 -16.84 -7.88
CA GLU A 68 6.59 -17.59 -7.95
C GLU A 68 7.74 -16.68 -8.33
N ALA A 69 7.48 -15.38 -8.53
CA ALA A 69 8.53 -14.38 -8.63
C ALA A 69 8.71 -13.69 -7.27
N ILE A 70 7.62 -13.13 -6.71
CA ILE A 70 7.61 -12.56 -5.39
C ILE A 70 6.28 -12.94 -4.76
N ALA A 71 6.34 -13.67 -3.65
CA ALA A 71 5.14 -14.16 -2.99
C ALA A 71 4.54 -13.23 -1.96
N ASN A 72 5.38 -12.36 -1.39
CA ASN A 72 4.95 -11.50 -0.30
C ASN A 72 5.70 -10.20 -0.39
N TYR A 73 5.02 -9.11 -0.05
CA TYR A 73 5.61 -7.79 0.04
C TYR A 73 5.40 -7.31 1.47
N GLU A 74 6.35 -6.56 1.97
CA GLU A 74 6.26 -6.03 3.32
C GLU A 74 6.55 -4.56 3.16
N LEU A 75 5.50 -3.74 3.25
CA LEU A 75 5.58 -2.32 2.96
C LEU A 75 5.50 -1.53 4.25
N GLU A 76 5.88 -0.25 4.16
CA GLU A 76 5.71 0.71 5.26
C GLU A 76 4.64 1.71 4.86
N VAL A 77 3.67 1.94 5.73
CA VAL A 77 2.70 2.98 5.48
C VAL A 77 2.73 3.95 6.65
N GLU A 78 2.72 5.24 6.33
CA GLU A 78 2.76 6.29 7.35
C GLU A 78 1.87 7.44 6.86
N VAL A 79 1.64 8.39 7.76
CA VAL A 79 0.89 9.59 7.45
C VAL A 79 1.75 10.78 7.81
N THR A 80 1.80 11.75 6.91
CA THR A 80 2.48 12.99 7.16
C THR A 80 1.49 14.13 7.21
N ASP A 81 1.92 15.27 7.74
CA ASP A 81 1.21 16.50 7.47
C ASP A 81 1.43 16.92 6.01
N LEU A 82 0.86 18.06 5.61
CA LEU A 82 0.93 18.42 4.19
C LEU A 82 2.34 18.73 3.73
N SER A 83 3.20 19.09 4.69
CA SER A 83 4.59 19.43 4.42
C SER A 83 5.57 18.26 4.47
N GLY A 84 5.08 17.08 4.77
CA GLY A 84 5.92 15.93 4.74
C GLY A 84 6.49 15.50 6.09
N LYS A 85 6.06 16.10 7.19
CA LYS A 85 6.49 15.65 8.52
C LYS A 85 5.67 14.46 8.95
N ILE A 86 6.32 13.37 9.35
CA ILE A 86 5.54 12.20 9.81
C ILE A 86 4.78 12.53 11.09
N ILE A 87 3.48 12.22 11.07
CA ILE A 87 2.65 12.41 12.23
C ILE A 87 1.99 11.10 12.69
N ASP A 88 2.12 9.99 11.96
CA ASP A 88 1.50 8.74 12.40
C ASP A 88 2.25 7.64 11.66
N GLY A 89 2.57 6.56 12.36
CA GLY A 89 3.32 5.48 11.71
C GLY A 89 4.80 5.79 11.60
N PRO A 90 5.53 5.01 10.80
CA PRO A 90 5.03 3.97 9.94
C PRO A 90 4.56 2.73 10.64
N VAL A 91 3.66 1.99 10.00
CA VAL A 91 3.30 0.63 10.39
C VAL A 91 3.47 -0.29 9.20
N ARG A 92 3.56 -1.58 9.49
CA ARG A 92 3.84 -2.60 8.49
C ARG A 92 2.59 -2.97 7.76
N LEU A 93 2.67 -2.96 6.41
CA LEU A 93 1.57 -3.38 5.56
C LEU A 93 2.01 -4.62 4.79
N ASP A 94 1.43 -5.77 5.17
CA ASP A 94 1.72 -7.03 4.49
C ASP A 94 0.82 -7.19 3.28
N ILE A 95 1.43 -7.59 2.17
CA ILE A 95 0.67 -7.94 0.97
C ILE A 95 1.14 -9.32 0.53
N SER A 96 0.21 -10.27 0.53
CA SER A 96 0.53 -11.64 0.15
C SER A 96 -0.12 -11.99 -1.17
N VAL A 97 0.65 -12.58 -2.07
CA VAL A 97 0.12 -13.06 -3.34
C VAL A 97 -0.31 -14.49 -3.08
N ILE A 98 -1.53 -14.81 -3.44
CA ILE A 98 -2.09 -16.12 -3.16
C ILE A 98 -2.37 -16.84 -4.45
N ASP A 99 -2.41 -18.16 -4.39
CA ASP A 99 -2.72 -18.92 -5.58
C ASP A 99 -4.05 -18.52 -6.16
ZN ZN B . -0.78 14.33 -4.13
ZN ZN C . -3.18 8.55 14.79
#